data_6B0P
#
_entry.id   6B0P
#
_cell.length_a   75.798
_cell.length_b   84.402
_cell.length_c   85.968
_cell.angle_alpha   90.00
_cell.angle_beta   90.00
_cell.angle_gamma   90.00
#
_symmetry.space_group_name_H-M   'P 21 21 2'
#
loop_
_entity.id
_entity.type
_entity.pdbx_description
1 polymer 'Wilms tumor protein'
2 polymer "DNA (5'-D(P*GP*CP*GP*TP*GP*GP*GP*AP*GP*GP*GP*T)-3')"
3 polymer "DNA (5'-D(P*AP*CP*CP*CP*TP*CP*CP*CP*AP*CP*GP*C)-3')"
4 non-polymer 'ZINC ION'
5 non-polymer 1,2-ETHANEDIOL
6 water water
#
loop_
_entity_poly.entity_id
_entity_poly.type
_entity_poly.pdbx_seq_one_letter_code
_entity_poly.pdbx_strand_id
1 'polypeptide(L)'
;HMRPFMCAYPGCNKRYFKLSHLQMHSRKHTGEKPYQCDFKDCERRFSRSDQLKRHQRRHTGVKPFQCKTCQRKFSRSDHL
KTHTRTHTGEKPFSCRWPSCQKKFARSDELVRHHNMHQR
;
D,A
2 'polydeoxyribonucleotide' (DA)(DG)(DC)(DG)(DT)(DG)(DG)(DG)(DA)(DG)(DG)(DG)(DT) E,B
3 'polydeoxyribonucleotide' (DT)(DA)(DC)(DC)(DC)(DT)(DC)(DC)(DC)(DA)(DC)(DG)(DC) F,C
#
# COMPACT_ATOMS: atom_id res chain seq x y z
N HIS A 1 -18.33 22.16 32.43
CA HIS A 1 -18.33 21.88 31.00
C HIS A 1 -18.76 20.44 30.76
N MET A 2 -19.57 20.22 29.73
CA MET A 2 -20.16 18.91 29.51
C MET A 2 -19.28 17.96 28.71
N ARG A 3 -18.23 18.46 28.06
CA ARG A 3 -17.29 17.64 27.30
C ARG A 3 -15.88 17.94 27.78
N PRO A 4 -15.48 17.38 28.93
CA PRO A 4 -14.19 17.74 29.53
C PRO A 4 -13.00 16.93 29.05
N PHE A 5 -13.20 15.86 28.27
CA PHE A 5 -12.10 15.05 27.79
C PHE A 5 -11.63 15.63 26.46
N MET A 6 -10.54 16.40 26.50
CA MET A 6 -10.08 17.21 25.39
C MET A 6 -8.89 16.57 24.70
N CYS A 7 -8.92 16.56 23.37
CA CYS A 7 -7.77 16.10 22.61
C CYS A 7 -6.63 17.10 22.73
N ALA A 8 -5.42 16.59 22.90
CA ALA A 8 -4.23 17.43 23.03
C ALA A 8 -3.31 17.30 21.83
N TYR A 9 -3.82 16.78 20.71
CA TYR A 9 -2.97 16.62 19.55
C TYR A 9 -2.81 17.94 18.81
N PRO A 10 -1.64 18.19 18.23
CA PRO A 10 -1.43 19.41 17.44
C PRO A 10 -2.51 19.60 16.38
N GLY A 11 -3.08 20.80 16.35
CA GLY A 11 -4.05 21.17 15.34
C GLY A 11 -5.48 20.73 15.60
N CYS A 12 -5.74 20.02 16.69
CA CYS A 12 -7.05 19.44 16.95
C CYS A 12 -7.60 19.97 18.27
N ASN A 13 -8.87 20.37 18.28
CA ASN A 13 -9.52 20.83 19.50
C ASN A 13 -10.76 20.00 19.85
N LYS A 14 -10.84 18.75 19.37
CA LYS A 14 -12.01 17.93 19.67
C LYS A 14 -12.10 17.65 21.16
N ARG A 15 -13.32 17.51 21.65
CA ARG A 15 -13.55 17.19 23.05
C ARG A 15 -14.78 16.29 23.16
N TYR A 16 -14.79 15.47 24.21
CA TYR A 16 -15.78 14.42 24.36
C TYR A 16 -16.24 14.35 25.81
N PHE A 17 -17.39 13.71 26.02
CA PHE A 17 -17.94 13.59 27.36
C PHE A 17 -17.64 12.24 28.02
N LYS A 18 -16.97 11.33 27.31
CA LYS A 18 -16.46 10.10 27.89
C LYS A 18 -15.00 9.93 27.49
N LEU A 19 -14.19 9.42 28.41
CA LEU A 19 -12.78 9.21 28.12
C LEU A 19 -12.60 8.22 26.98
N SER A 20 -13.41 7.17 26.94
CA SER A 20 -13.27 6.17 25.89
C SER A 20 -13.56 6.75 24.51
N HIS A 21 -14.41 7.78 24.44
CA HIS A 21 -14.65 8.46 23.17
C HIS A 21 -13.41 9.22 22.71
N LEU A 22 -12.77 9.94 23.63
CA LEU A 22 -11.51 10.60 23.29
C LEU A 22 -10.44 9.60 22.90
N GLN A 23 -10.36 8.47 23.62
CA GLN A 23 -9.35 7.47 23.33
C GLN A 23 -9.50 6.93 21.90
N MET A 24 -10.72 6.62 21.49
CA MET A 24 -10.93 6.13 20.12
C MET A 24 -10.61 7.21 19.09
N HIS A 25 -10.96 8.47 19.38
CA HIS A 25 -10.70 9.55 18.44
C HIS A 25 -9.21 9.78 18.24
N SER A 26 -8.45 9.79 19.34
CA SER A 26 -7.04 10.17 19.26
CA SER A 26 -7.03 10.16 19.29
C SER A 26 -6.22 9.22 18.40
N ARG A 27 -6.67 7.98 18.24
CA ARG A 27 -5.89 7.02 17.45
C ARG A 27 -5.77 7.42 15.99
N LYS A 28 -6.67 8.25 15.47
CA LYS A 28 -6.54 8.70 14.09
C LYS A 28 -5.33 9.59 13.88
N HIS A 29 -4.83 10.23 14.93
CA HIS A 29 -3.71 11.16 14.79
C HIS A 29 -2.38 10.45 14.57
N THR A 30 -2.28 9.17 14.91
CA THR A 30 -1.10 8.39 14.57
C THR A 30 -1.33 7.47 13.38
N GLY A 31 -2.45 7.65 12.67
CA GLY A 31 -2.73 6.84 11.50
C GLY A 31 -3.31 5.48 11.77
N GLU A 32 -3.75 5.21 13.00
CA GLU A 32 -4.28 3.89 13.31
C GLU A 32 -5.63 3.65 12.64
N LYS A 33 -5.83 2.41 12.21
CA LYS A 33 -7.14 1.93 11.73
C LYS A 33 -7.39 0.58 12.41
N PRO A 34 -7.74 0.59 13.70
CA PRO A 34 -7.77 -0.67 14.46
C PRO A 34 -9.03 -1.49 14.26
N TYR A 35 -10.03 -0.99 13.54
CA TYR A 35 -11.30 -1.70 13.36
C TYR A 35 -11.24 -2.42 12.02
N GLN A 36 -10.80 -3.67 12.04
CA GLN A 36 -10.66 -4.49 10.83
C GLN A 36 -11.87 -5.38 10.65
N CYS A 37 -12.35 -5.45 9.41
CA CYS A 37 -13.45 -6.34 9.06
C CYS A 37 -12.97 -7.79 9.11
N ASP A 38 -13.66 -8.62 9.89
CA ASP A 38 -13.30 -10.01 10.08
CA ASP A 38 -13.28 -10.01 10.07
C ASP A 38 -13.99 -10.95 9.08
N PHE A 39 -14.66 -10.41 8.07
CA PHE A 39 -15.23 -11.26 7.04
C PHE A 39 -14.11 -11.82 6.16
N LYS A 40 -14.34 -13.02 5.63
CA LYS A 40 -13.27 -13.75 4.96
C LYS A 40 -12.80 -13.00 3.71
N ASP A 41 -11.48 -12.82 3.61
CA ASP A 41 -10.83 -12.20 2.45
C ASP A 41 -11.29 -10.76 2.24
N CYS A 42 -11.47 -10.04 3.34
CA CYS A 42 -11.77 -8.60 3.31
C CYS A 42 -10.69 -7.90 4.12
N GLU A 43 -9.90 -7.06 3.45
CA GLU A 43 -8.79 -6.35 4.08
C GLU A 43 -9.18 -4.96 4.55
N ARG A 44 -10.47 -4.65 4.64
CA ARG A 44 -10.90 -3.32 5.01
C ARG A 44 -10.69 -3.08 6.51
N ARG A 45 -10.08 -1.94 6.85
CA ARG A 45 -9.92 -1.52 8.22
C ARG A 45 -10.28 -0.04 8.31
N PHE A 46 -10.73 0.37 9.49
CA PHE A 46 -11.26 1.71 9.68
C PHE A 46 -10.75 2.29 10.99
N SER A 47 -10.71 3.61 11.05
CA SER A 47 -10.30 4.29 12.29
C SER A 47 -11.43 4.33 13.32
N ARG A 48 -12.68 4.21 12.88
CA ARG A 48 -13.83 4.36 13.76
C ARG A 48 -14.67 3.08 13.75
N SER A 49 -15.26 2.77 14.90
CA SER A 49 -16.08 1.56 15.00
C SER A 49 -17.35 1.68 14.17
N ASP A 50 -17.93 2.89 14.10
CA ASP A 50 -19.14 3.05 13.30
C ASP A 50 -18.85 2.96 11.81
N GLN A 51 -17.63 3.32 11.38
CA GLN A 51 -17.26 3.13 9.99
C GLN A 51 -17.23 1.64 9.64
N LEU A 52 -16.67 0.82 10.52
CA LEU A 52 -16.66 -0.63 10.27
C LEU A 52 -18.06 -1.20 10.26
N LYS A 53 -18.92 -0.75 11.18
CA LYS A 53 -20.27 -1.29 11.24
C LYS A 53 -21.07 -0.92 9.99
N ARG A 54 -20.90 0.31 9.50
CA ARG A 54 -21.56 0.68 8.25
C ARG A 54 -21.02 -0.16 7.09
N HIS A 55 -19.71 -0.40 7.07
CA HIS A 55 -19.11 -1.18 5.99
C HIS A 55 -19.66 -2.60 5.94
N GLN A 56 -19.72 -3.27 7.10
CA GLN A 56 -20.07 -4.68 7.13
C GLN A 56 -21.50 -4.96 6.67
N ARG A 57 -22.34 -3.92 6.52
CA ARG A 57 -23.67 -4.13 5.98
C ARG A 57 -23.63 -4.63 4.54
N ARG A 58 -22.54 -4.37 3.81
CA ARG A 58 -22.43 -4.92 2.46
C ARG A 58 -22.15 -6.41 2.47
N HIS A 59 -21.69 -6.96 3.60
CA HIS A 59 -21.53 -8.40 3.75
C HIS A 59 -22.80 -9.07 4.26
N THR A 60 -23.38 -8.52 5.33
CA THR A 60 -24.54 -9.11 5.97
C THR A 60 -25.83 -8.89 5.19
N GLY A 61 -25.89 -7.84 4.36
CA GLY A 61 -27.10 -7.51 3.66
C GLY A 61 -28.16 -6.82 4.48
N VAL A 62 -27.83 -6.39 5.70
CA VAL A 62 -28.80 -5.73 6.56
C VAL A 62 -29.08 -4.33 6.04
N LYS A 63 -30.35 -4.00 5.86
CA LYS A 63 -30.79 -2.70 5.37
C LYS A 63 -31.87 -2.18 6.32
N PRO A 64 -31.49 -1.38 7.31
CA PRO A 64 -32.44 -0.97 8.37
C PRO A 64 -33.29 0.25 8.04
N PHE A 65 -33.12 0.85 6.87
CA PHE A 65 -33.85 2.07 6.51
C PHE A 65 -34.71 1.78 5.28
N GLN A 66 -36.03 1.93 5.43
CA GLN A 66 -36.98 1.56 4.39
C GLN A 66 -37.72 2.78 3.88
N CYS A 67 -37.90 2.83 2.56
CA CYS A 67 -38.64 3.93 1.94
C CYS A 67 -40.12 3.76 2.21
N LYS A 68 -40.75 4.83 2.72
CA LYS A 68 -42.18 4.76 3.03
C LYS A 68 -43.05 4.75 1.78
N THR A 69 -42.49 5.05 0.61
CA THR A 69 -43.26 5.12 -0.62
C THR A 69 -43.27 3.79 -1.37
N CYS A 70 -42.10 3.22 -1.66
CA CYS A 70 -41.99 2.00 -2.43
C CYS A 70 -41.53 0.80 -1.61
N GLN A 71 -41.31 0.97 -0.31
CA GLN A 71 -40.94 -0.07 0.65
C GLN A 71 -39.59 -0.70 0.36
N ARG A 72 -38.77 -0.12 -0.51
CA ARG A 72 -37.42 -0.61 -0.70
C ARG A 72 -36.56 -0.25 0.50
N LYS A 73 -35.69 -1.17 0.90
CA LYS A 73 -34.82 -0.98 2.06
C LYS A 73 -33.42 -0.59 1.62
N PHE A 74 -32.72 0.15 2.49
CA PHE A 74 -31.40 0.66 2.19
C PHE A 74 -30.51 0.51 3.41
N SER A 75 -29.20 0.36 3.15
CA SER A 75 -28.24 0.12 4.23
C SER A 75 -27.86 1.39 4.97
N ARG A 76 -28.08 2.56 4.38
CA ARG A 76 -27.65 3.82 4.95
C ARG A 76 -28.77 4.85 4.88
N SER A 77 -28.88 5.67 5.93
CA SER A 77 -29.97 6.64 6.00
C SER A 77 -29.80 7.74 4.95
N ASP A 78 -28.57 8.21 4.74
CA ASP A 78 -28.35 9.25 3.74
C ASP A 78 -28.68 8.76 2.33
N HIS A 79 -28.46 7.46 2.06
CA HIS A 79 -28.83 6.92 0.77
C HIS A 79 -30.33 6.76 0.63
N LEU A 80 -31.04 6.52 1.73
CA LEU A 80 -32.50 6.56 1.70
C LEU A 80 -33.00 7.98 1.45
N LYS A 81 -32.32 8.98 2.02
CA LYS A 81 -32.75 10.36 1.86
C LYS A 81 -32.74 10.78 0.40
N THR A 82 -31.58 10.61 -0.27
CA THR A 82 -31.50 11.00 -1.68
C THR A 82 -32.38 10.12 -2.55
N HIS A 83 -32.65 8.88 -2.12
CA HIS A 83 -33.53 8.01 -2.89
C HIS A 83 -34.96 8.56 -2.93
N THR A 84 -35.44 9.11 -1.82
CA THR A 84 -36.82 9.57 -1.75
C THR A 84 -37.09 10.71 -2.73
N ARG A 85 -36.05 11.43 -3.15
CA ARG A 85 -36.25 12.50 -4.14
C ARG A 85 -36.58 11.94 -5.52
N THR A 86 -36.38 10.64 -5.76
CA THR A 86 -36.84 10.04 -7.00
C THR A 86 -38.36 9.97 -7.06
N HIS A 87 -39.02 9.97 -5.91
CA HIS A 87 -40.49 9.98 -5.87
C HIS A 87 -41.06 11.38 -5.90
N THR A 88 -40.42 12.33 -5.19
CA THR A 88 -40.94 13.69 -5.17
C THR A 88 -40.63 14.45 -6.45
N GLY A 89 -39.65 13.99 -7.24
CA GLY A 89 -39.27 14.71 -8.44
C GLY A 89 -38.51 15.99 -8.20
N GLU A 90 -38.04 16.23 -6.97
CA GLU A 90 -37.32 17.45 -6.66
C GLU A 90 -35.91 17.40 -7.26
N LYS A 91 -35.53 18.46 -7.96
CA LYS A 91 -34.20 18.60 -8.56
C LYS A 91 -33.62 19.94 -8.11
N PRO A 92 -33.00 19.99 -6.93
CA PRO A 92 -32.55 21.29 -6.39
C PRO A 92 -31.32 21.85 -7.07
N PHE A 93 -30.59 21.07 -7.85
CA PHE A 93 -29.32 21.49 -8.43
C PHE A 93 -29.50 21.79 -9.91
N SER A 94 -29.39 23.06 -10.27
CA SER A 94 -29.61 23.51 -11.64
C SER A 94 -28.27 23.84 -12.31
N CYS A 95 -28.16 23.45 -13.58
CA CYS A 95 -27.01 23.86 -14.37
C CYS A 95 -27.21 25.29 -14.86
N ARG A 96 -26.17 26.12 -14.71
CA ARG A 96 -26.26 27.53 -15.06
C ARG A 96 -25.72 27.85 -16.44
N TRP A 97 -25.24 26.85 -17.19
CA TRP A 97 -24.68 27.12 -18.50
C TRP A 97 -25.77 27.63 -19.45
N PRO A 98 -25.40 28.52 -20.37
CA PRO A 98 -26.42 29.18 -21.20
C PRO A 98 -27.17 28.20 -22.09
N SER A 99 -28.49 28.39 -22.17
CA SER A 99 -29.37 27.59 -23.03
C SER A 99 -29.29 26.10 -22.70
N CYS A 100 -29.07 25.75 -21.43
CA CYS A 100 -29.04 24.37 -21.00
C CYS A 100 -30.28 23.96 -20.22
N GLN A 101 -30.54 24.62 -19.09
CA GLN A 101 -31.75 24.41 -18.30
C GLN A 101 -31.86 22.98 -17.75
N LYS A 102 -30.73 22.29 -17.61
CA LYS A 102 -30.74 20.98 -16.98
C LYS A 102 -30.80 21.13 -15.47
N LYS A 103 -31.52 20.20 -14.83
CA LYS A 103 -31.65 20.15 -13.38
C LYS A 103 -31.37 18.73 -12.91
N PHE A 104 -30.88 18.60 -11.68
CA PHE A 104 -30.46 17.31 -11.15
C PHE A 104 -30.89 17.18 -9.69
N ALA A 105 -31.10 15.94 -9.27
CA ALA A 105 -31.56 15.64 -7.92
C ALA A 105 -30.42 15.52 -6.92
N ARG A 106 -29.26 15.03 -7.34
CA ARG A 106 -28.10 14.89 -6.47
C ARG A 106 -27.02 15.89 -6.85
N SER A 107 -26.29 16.36 -5.84
CA SER A 107 -25.25 17.36 -6.08
C SER A 107 -24.15 16.83 -6.99
N ASP A 108 -23.76 15.57 -6.82
CA ASP A 108 -22.69 15.03 -7.65
C ASP A 108 -23.12 14.84 -9.11
N GLU A 109 -24.42 14.76 -9.38
CA GLU A 109 -24.88 14.75 -10.77
C GLU A 109 -24.54 16.06 -11.47
N LEU A 110 -24.73 17.19 -10.79
CA LEU A 110 -24.39 18.47 -11.38
C LEU A 110 -22.89 18.62 -11.55
N VAL A 111 -22.10 18.10 -10.61
CA VAL A 111 -20.65 18.16 -10.71
C VAL A 111 -20.18 17.42 -11.96
N ARG A 112 -20.69 16.21 -12.17
CA ARG A 112 -20.31 15.44 -13.35
C ARG A 112 -20.82 16.12 -14.62
N HIS A 113 -22.01 16.71 -14.56
CA HIS A 113 -22.56 17.41 -15.73
C HIS A 113 -21.78 18.68 -16.03
N HIS A 114 -21.37 19.41 -14.99
CA HIS A 114 -20.55 20.60 -15.20
C HIS A 114 -19.25 20.26 -15.91
N ASN A 115 -18.63 19.14 -15.55
CA ASN A 115 -17.41 18.71 -16.21
C ASN A 115 -17.64 18.30 -17.66
N MET A 116 -18.88 17.93 -18.01
CA MET A 116 -19.19 17.62 -19.41
C MET A 116 -19.11 18.87 -20.28
N HIS A 117 -19.57 20.02 -19.76
CA HIS A 117 -19.54 21.26 -20.51
C HIS A 117 -18.13 21.74 -20.83
N GLN A 118 -17.11 21.17 -20.20
CA GLN A 118 -15.74 21.61 -20.42
C GLN A 118 -14.81 20.43 -20.70
N HIS D 1 24.10 -26.36 -29.07
CA HIS D 1 23.57 -25.59 -27.95
C HIS D 1 24.14 -24.18 -27.95
N MET D 2 23.37 -23.23 -27.40
CA MET D 2 23.74 -21.82 -27.43
C MET D 2 24.58 -21.37 -26.24
N ARG D 3 24.80 -22.24 -25.26
CA ARG D 3 25.69 -21.97 -24.12
C ARG D 3 26.64 -23.14 -23.95
N PRO D 4 27.60 -23.31 -24.86
CA PRO D 4 28.45 -24.50 -24.83
C PRO D 4 29.60 -24.44 -23.83
N PHE D 5 29.88 -23.29 -23.22
CA PHE D 5 30.98 -23.16 -22.27
C PHE D 5 30.48 -23.54 -20.89
N MET D 6 30.63 -24.81 -20.54
CA MET D 6 30.10 -25.37 -19.30
C MET D 6 31.19 -25.46 -18.25
N CYS D 7 30.85 -25.08 -17.02
CA CYS D 7 31.79 -25.22 -15.91
C CYS D 7 32.03 -26.70 -15.64
N ALA D 8 33.30 -27.08 -15.50
CA ALA D 8 33.68 -28.47 -15.32
C ALA D 8 33.92 -28.85 -13.86
N TYR D 9 33.66 -27.94 -12.93
CA TYR D 9 33.94 -28.26 -11.54
C TYR D 9 32.79 -29.06 -10.93
N PRO D 10 33.10 -29.98 -10.00
CA PRO D 10 32.08 -30.88 -9.47
C PRO D 10 30.93 -30.12 -8.80
N GLY D 11 29.71 -30.57 -9.07
CA GLY D 11 28.53 -30.01 -8.45
C GLY D 11 28.02 -28.72 -9.07
N CYS D 12 28.66 -28.21 -10.11
CA CYS D 12 28.30 -26.93 -10.71
C CYS D 12 27.67 -27.14 -12.08
N ASN D 13 26.52 -26.49 -12.31
CA ASN D 13 25.79 -26.60 -13.57
C ASN D 13 25.83 -25.32 -14.40
N LYS D 14 26.69 -24.37 -14.07
CA LYS D 14 26.73 -23.11 -14.82
C LYS D 14 27.24 -23.34 -16.24
N ARG D 15 26.68 -22.57 -17.17
CA ARG D 15 27.09 -22.65 -18.57
C ARG D 15 26.88 -21.30 -19.23
N TYR D 16 27.82 -20.93 -20.11
CA TYR D 16 27.90 -19.58 -20.66
C TYR D 16 28.07 -19.66 -22.18
N PHE D 17 27.78 -18.55 -22.85
CA PHE D 17 27.95 -18.47 -24.29
C PHE D 17 29.24 -17.80 -24.71
N LYS D 18 30.04 -17.31 -23.77
CA LYS D 18 31.37 -16.80 -24.06
C LYS D 18 32.38 -17.46 -23.13
N LEU D 19 33.57 -17.76 -23.67
CA LEU D 19 34.62 -18.37 -22.88
C LEU D 19 35.03 -17.47 -21.72
N SER D 20 35.12 -16.16 -21.95
CA SER D 20 35.57 -15.26 -20.90
C SER D 20 34.58 -15.22 -19.73
N HIS D 21 33.28 -15.41 -20.00
CA HIS D 21 32.31 -15.53 -18.92
C HIS D 21 32.58 -16.76 -18.08
N LEU D 22 32.85 -17.89 -18.73
CA LEU D 22 33.18 -19.12 -18.00
C LEU D 22 34.45 -18.95 -17.19
N GLN D 23 35.49 -18.36 -17.80
CA GLN D 23 36.77 -18.20 -17.11
C GLN D 23 36.61 -17.39 -15.82
N MET D 24 35.86 -16.29 -15.88
CA MET D 24 35.68 -15.47 -14.68
C MET D 24 34.83 -16.18 -13.64
N HIS D 25 33.82 -16.94 -14.09
CA HIS D 25 32.99 -17.69 -13.15
C HIS D 25 33.80 -18.77 -12.44
N SER D 26 34.60 -19.54 -13.19
CA SER D 26 35.29 -20.69 -12.63
CA SER D 26 35.27 -20.69 -12.62
C SER D 26 36.22 -20.33 -11.48
N ARG D 27 36.68 -19.08 -11.42
CA ARG D 27 37.57 -18.65 -10.35
C ARG D 27 36.91 -18.74 -8.97
N LYS D 28 35.58 -18.78 -8.91
CA LYS D 28 34.92 -18.88 -7.61
C LYS D 28 35.21 -20.21 -6.93
N HIS D 29 35.52 -21.25 -7.71
CA HIS D 29 35.73 -22.57 -7.12
C HIS D 29 37.07 -22.70 -6.41
N THR D 30 38.01 -21.79 -6.66
CA THR D 30 39.23 -21.73 -5.87
C THR D 30 39.18 -20.62 -4.84
N GLY D 31 38.01 -20.03 -4.61
CA GLY D 31 37.85 -18.98 -3.63
C GLY D 31 38.32 -17.61 -4.07
N GLU D 32 38.59 -17.42 -5.36
CA GLU D 32 39.07 -16.13 -5.84
C GLU D 32 37.96 -15.09 -5.75
N LYS D 33 38.37 -13.84 -5.48
CA LYS D 33 37.49 -12.67 -5.56
C LYS D 33 38.29 -11.61 -6.31
N PRO D 34 38.39 -11.74 -7.64
CA PRO D 34 39.37 -10.92 -8.38
C PRO D 34 38.96 -9.46 -8.56
N TYR D 35 37.72 -9.09 -8.27
CA TYR D 35 37.24 -7.73 -8.48
C TYR D 35 37.38 -6.96 -7.17
N GLN D 36 38.51 -6.26 -7.03
CA GLN D 36 38.77 -5.45 -5.85
C GLN D 36 38.39 -4.00 -6.11
N CYS D 37 37.75 -3.37 -5.12
CA CYS D 37 37.38 -1.98 -5.23
C CYS D 37 38.63 -1.11 -5.11
N ASP D 38 38.91 -0.31 -6.13
CA ASP D 38 40.10 0.54 -6.14
CA ASP D 38 40.09 0.54 -6.16
C ASP D 38 39.89 1.89 -5.46
N PHE D 39 38.77 2.07 -4.76
CA PHE D 39 38.60 3.30 -3.99
C PHE D 39 39.49 3.26 -2.76
N LYS D 40 39.91 4.44 -2.31
CA LYS D 40 40.92 4.54 -1.27
C LYS D 40 40.45 3.88 0.02
N ASP D 41 41.26 2.96 0.53
CA ASP D 41 41.09 2.27 1.81
C ASP D 41 39.93 1.29 1.83
N CYS D 42 39.27 1.05 0.69
CA CYS D 42 38.19 0.08 0.63
C CYS D 42 38.79 -1.30 0.34
N GLU D 43 38.58 -2.23 1.27
CA GLU D 43 39.15 -3.56 1.18
C GLU D 43 38.21 -4.58 0.58
N ARG D 44 37.05 -4.15 0.06
CA ARG D 44 36.04 -5.09 -0.39
C ARG D 44 36.41 -5.66 -1.75
N ARG D 45 36.30 -6.98 -1.87
CA ARG D 45 36.55 -7.71 -3.11
C ARG D 45 35.34 -8.57 -3.42
N PHE D 46 35.11 -8.81 -4.71
CA PHE D 46 33.92 -9.52 -5.16
C PHE D 46 34.29 -10.56 -6.20
N SER D 47 33.45 -11.59 -6.29
CA SER D 47 33.64 -12.65 -7.26
C SER D 47 33.19 -12.27 -8.66
N ARG D 48 32.27 -11.31 -8.77
CA ARG D 48 31.66 -10.94 -10.05
C ARG D 48 31.80 -9.45 -10.28
N SER D 49 31.90 -9.08 -11.57
CA SER D 49 32.09 -7.67 -11.91
C SER D 49 30.85 -6.84 -11.59
N ASP D 50 29.66 -7.38 -11.86
CA ASP D 50 28.44 -6.63 -11.58
C ASP D 50 28.26 -6.40 -10.09
N GLN D 51 28.79 -7.29 -9.25
CA GLN D 51 28.74 -7.06 -7.81
C GLN D 51 29.63 -5.88 -7.41
N LEU D 52 30.79 -5.73 -8.05
CA LEU D 52 31.65 -4.60 -7.76
C LEU D 52 31.03 -3.30 -8.25
N LYS D 53 30.43 -3.31 -9.44
CA LYS D 53 29.76 -2.11 -9.95
C LYS D 53 28.66 -1.65 -9.01
N ARG D 54 27.82 -2.58 -8.54
CA ARG D 54 26.78 -2.23 -7.59
C ARG D 54 27.37 -1.70 -6.29
N HIS D 55 28.47 -2.28 -5.83
CA HIS D 55 29.09 -1.84 -4.59
C HIS D 55 29.58 -0.40 -4.70
N GLN D 56 30.25 -0.07 -5.80
CA GLN D 56 30.88 1.23 -5.93
C GLN D 56 29.89 2.39 -5.95
N ARG D 57 28.60 2.11 -6.11
CA ARG D 57 27.60 3.16 -5.98
C ARG D 57 27.60 3.79 -4.60
N ARG D 58 28.08 3.06 -3.58
CA ARG D 58 28.26 3.65 -2.26
C ARG D 58 29.25 4.81 -2.32
N HIS D 59 30.35 4.63 -3.06
CA HIS D 59 31.37 5.66 -3.12
C HIS D 59 30.97 6.80 -4.06
N THR D 60 30.42 6.47 -5.23
CA THR D 60 30.04 7.49 -6.18
C THR D 60 28.74 8.20 -5.81
N GLY D 61 27.88 7.56 -5.02
CA GLY D 61 26.63 8.17 -4.65
C GLY D 61 25.59 8.24 -5.74
N VAL D 62 25.82 7.58 -6.87
CA VAL D 62 24.85 7.60 -7.97
C VAL D 62 23.64 6.74 -7.60
N LYS D 63 22.46 7.19 -8.00
CA LYS D 63 21.21 6.48 -7.74
C LYS D 63 20.37 6.53 -9.00
N PRO D 64 20.51 5.54 -9.89
CA PRO D 64 19.89 5.64 -11.21
C PRO D 64 18.38 5.43 -11.20
N PHE D 65 17.82 4.86 -10.15
CA PHE D 65 16.42 4.46 -10.11
C PHE D 65 15.64 5.41 -9.21
N GLN D 66 14.64 6.07 -9.78
CA GLN D 66 13.86 7.08 -9.09
C GLN D 66 12.41 6.65 -8.96
N CYS D 67 11.82 6.94 -7.80
CA CYS D 67 10.41 6.62 -7.57
C CYS D 67 9.53 7.60 -8.33
N LYS D 68 8.51 7.08 -9.02
CA LYS D 68 7.61 7.93 -9.77
C LYS D 68 6.58 8.64 -8.89
N THR D 69 6.53 8.31 -7.60
CA THR D 69 5.56 8.90 -6.68
C THR D 69 6.17 10.01 -5.82
N CYS D 70 7.27 9.73 -5.13
CA CYS D 70 7.89 10.70 -4.24
C CYS D 70 9.24 11.21 -4.75
N GLN D 71 9.65 10.78 -5.94
CA GLN D 71 10.87 11.23 -6.62
C GLN D 71 12.15 10.92 -5.85
N ARG D 72 12.10 10.06 -4.85
CA ARG D 72 13.31 9.65 -4.15
C ARG D 72 14.11 8.71 -5.05
N LYS D 73 15.43 8.87 -5.02
CA LYS D 73 16.34 8.09 -5.86
C LYS D 73 16.95 6.93 -5.08
N PHE D 74 17.26 5.85 -5.79
CA PHE D 74 17.77 4.63 -5.18
C PHE D 74 18.90 4.06 -6.02
N SER D 75 19.89 3.49 -5.35
CA SER D 75 21.04 2.91 -6.04
C SER D 75 20.72 1.58 -6.70
N ARG D 76 19.70 0.87 -6.24
CA ARG D 76 19.39 -0.46 -6.71
C ARG D 76 17.94 -0.56 -7.17
N SER D 77 17.70 -1.31 -8.23
CA SER D 77 16.36 -1.42 -8.77
C SER D 77 15.46 -2.28 -7.89
N ASP D 78 16.02 -3.34 -7.30
CA ASP D 78 15.21 -4.17 -6.42
C ASP D 78 14.80 -3.42 -5.15
N HIS D 79 15.62 -2.47 -4.70
CA HIS D 79 15.25 -1.65 -3.55
C HIS D 79 14.21 -0.59 -3.90
N LEU D 80 14.23 -0.08 -5.14
CA LEU D 80 13.15 0.79 -5.57
C LEU D 80 11.84 0.02 -5.63
N LYS D 81 11.88 -1.23 -6.08
CA LYS D 81 10.66 -2.01 -6.23
C LYS D 81 9.97 -2.23 -4.89
N THR D 82 10.72 -2.62 -3.87
CA THR D 82 10.11 -2.82 -2.56
C THR D 82 9.72 -1.50 -1.91
N HIS D 83 10.46 -0.42 -2.21
CA HIS D 83 10.09 0.88 -1.68
C HIS D 83 8.72 1.32 -2.20
N THR D 84 8.46 1.10 -3.50
CA THR D 84 7.19 1.56 -4.07
C THR D 84 5.98 0.89 -3.42
N ARG D 85 6.17 -0.27 -2.79
CA ARG D 85 5.06 -0.91 -2.08
C ARG D 85 4.66 -0.15 -0.84
N THR D 86 5.52 0.74 -0.32
CA THR D 86 5.13 1.59 0.80
C THR D 86 4.10 2.63 0.40
N HIS D 87 4.02 2.97 -0.89
CA HIS D 87 3.03 3.90 -1.40
C HIS D 87 1.72 3.22 -1.72
N THR D 88 1.79 2.09 -2.45
CA THR D 88 0.58 1.37 -2.84
C THR D 88 -0.07 0.62 -1.70
N GLY D 89 0.64 0.45 -0.58
CA GLY D 89 0.09 -0.30 0.53
C GLY D 89 -0.07 -1.78 0.28
N GLU D 90 0.61 -2.31 -0.73
CA GLU D 90 0.52 -3.75 -1.03
C GLU D 90 1.31 -4.55 -0.01
N LYS D 91 0.71 -5.61 0.51
CA LYS D 91 1.35 -6.50 1.47
C LYS D 91 1.15 -7.94 0.99
N PRO D 92 2.03 -8.42 0.12
CA PRO D 92 1.81 -9.75 -0.49
C PRO D 92 2.07 -10.92 0.43
N PHE D 93 2.71 -10.72 1.59
CA PHE D 93 3.15 -11.82 2.44
C PHE D 93 2.31 -11.84 3.71
N SER D 94 1.48 -12.87 3.86
CA SER D 94 0.54 -12.99 4.96
C SER D 94 1.02 -14.04 5.95
N CYS D 95 0.92 -13.72 7.24
CA CYS D 95 1.19 -14.71 8.28
C CYS D 95 0.01 -15.67 8.39
N ARG D 96 0.32 -16.97 8.44
CA ARG D 96 -0.71 -17.99 8.48
C ARG D 96 -0.98 -18.53 9.88
N TRP D 97 -0.31 -17.98 10.90
CA TRP D 97 -0.55 -18.46 12.26
C TRP D 97 -1.98 -18.17 12.68
N PRO D 98 -2.61 -19.05 13.45
CA PRO D 98 -4.04 -18.92 13.73
C PRO D 98 -4.37 -17.62 14.46
N SER D 99 -5.36 -16.91 13.94
CA SER D 99 -5.89 -15.69 14.55
C SER D 99 -4.82 -14.60 14.67
N CYS D 100 -3.95 -14.51 13.66
CA CYS D 100 -2.94 -13.45 13.61
C CYS D 100 -3.34 -12.34 12.65
N GLN D 101 -3.57 -12.67 11.38
CA GLN D 101 -4.03 -11.77 10.34
C GLN D 101 -3.02 -10.67 10.00
N LYS D 102 -1.77 -10.79 10.45
CA LYS D 102 -0.74 -9.84 10.04
C LYS D 102 -0.33 -10.09 8.59
N LYS D 103 0.03 -9.01 7.90
CA LYS D 103 0.54 -9.06 6.53
C LYS D 103 1.73 -8.12 6.42
N PHE D 104 2.59 -8.37 5.44
CA PHE D 104 3.84 -7.63 5.31
C PHE D 104 4.13 -7.33 3.84
N ALA D 105 4.79 -6.20 3.63
CA ALA D 105 5.13 -5.78 2.27
C ALA D 105 6.34 -6.53 1.72
N ARG D 106 7.26 -6.96 2.57
CA ARG D 106 8.50 -7.60 2.16
C ARG D 106 8.59 -8.99 2.75
N SER D 107 9.18 -9.91 1.98
CA SER D 107 9.23 -11.30 2.38
C SER D 107 10.06 -11.49 3.66
N ASP D 108 11.16 -10.74 3.79
CA ASP D 108 11.98 -10.89 4.99
C ASP D 108 11.29 -10.34 6.24
N GLU D 109 10.29 -9.47 6.08
CA GLU D 109 9.45 -9.08 7.22
C GLU D 109 8.66 -10.27 7.77
N LEU D 110 8.10 -11.08 6.87
CA LEU D 110 7.35 -12.25 7.34
C LEU D 110 8.26 -13.27 8.00
N VAL D 111 9.50 -13.41 7.49
CA VAL D 111 10.45 -14.35 8.11
C VAL D 111 10.74 -13.93 9.55
N ARG D 112 11.06 -12.65 9.76
CA ARG D 112 11.31 -12.17 11.11
C ARG D 112 10.07 -12.32 11.99
N HIS D 113 8.89 -12.05 11.43
CA HIS D 113 7.67 -12.20 12.19
C HIS D 113 7.38 -13.67 12.50
N HIS D 114 7.62 -14.56 11.53
CA HIS D 114 7.42 -15.98 11.75
C HIS D 114 8.29 -16.48 12.90
N ASN D 115 9.55 -16.04 12.96
CA ASN D 115 10.41 -16.43 14.07
C ASN D 115 9.92 -15.83 15.39
N MET D 116 9.18 -14.72 15.33
CA MET D 116 8.64 -14.12 16.54
C MET D 116 7.55 -14.98 17.16
N HIS D 117 6.88 -15.80 16.36
CA HIS D 117 5.87 -16.74 16.89
C HIS D 117 6.50 -17.90 17.63
N GLN D 118 7.81 -18.08 17.56
CA GLN D 118 8.48 -19.22 18.18
C GLN D 118 9.54 -18.77 19.18
#